data_7CPS
#
_entry.id   7CPS
#
loop_
_entity.id
_entity.type
_entity.pdbx_description
1 polymer "DNA (5'-D(*TP*TP*GP*GP*GP*GP*T)-3')"
2 non-polymer "4'-EPIDOXORUBICIN"
#
_entity_poly.entity_id   1
_entity_poly.type   'polydeoxyribonucleotide'
_entity_poly.pdbx_seq_one_letter_code
;(DT)(DT)(DG)(DG)(DG)(DG)(DT)
;
_entity_poly.pdbx_strand_id   A,B,C,D
#
loop_
_chem_comp.id
_chem_comp.type
_chem_comp.name
_chem_comp.formula
DG DNA linking 2'-DEOXYGUANOSINE-5'-MONOPHOSPHATE 'C10 H14 N5 O7 P'
DM6 non-polymer 4'-EPIDOXORUBICIN 'C27 H30 N O11 1'
DT DNA linking THYMIDINE-5'-MONOPHOSPHATE 'C10 H15 N2 O8 P'
#
# COMPACT_ATOMS: atom_id res chain seq x y z
C1 DM6 E . 10.04 11.94 2.74
C2 DM6 E . 9.33 12.39 3.86
C3 DM6 E . 7.96 12.67 3.74
C4 DM6 E . 7.31 12.47 2.52
C5 DM6 E . 7.28 11.62 0.09
C6 DM6 E . 7.52 11.24 -2.43
C7 DM6 E . 7.66 10.79 -4.97
C8 DM6 E . 8.38 9.63 -5.69
C9 DM6 E . 9.93 9.74 -5.75
C10 DM6 E . 10.49 10.83 -4.78
C11 DM6 E . 10.31 11.06 -2.22
C12 DM6 E . 10.19 11.24 0.32
C13 DM6 E . 10.55 8.34 -5.40
C14 DM6 E . 10.66 7.33 -6.58
C15 DM6 E . 9.39 11.71 1.50
C16 DM6 E . 7.99 11.94 1.39
C17 DM6 E . 8.12 11.36 -1.15
C18 DM6 E . 9.53 11.22 -1.04
C19 DM6 E . 9.69 10.96 -3.48
C20 DM6 E . 8.30 11.03 -3.58
C21 DM6 E . 5.70 14.24 2.19
O4 DM6 E . 5.98 12.85 2.46
O5 DM6 E . 6.06 11.54 0.06
O6 DM6 E . 6.15 11.33 -2.60
O7 DM6 E . 7.78 11.98 -5.79
O9 DM6 E . 10.31 10.13 -7.09
O11 DM6 E . 11.69 11.02 -2.18
O12 DM6 E . 11.35 10.89 0.49
O13 DM6 E . 10.91 8.04 -4.27
O14 DM6 E . 10.85 5.96 -6.16
C1' DM6 E . 6.76 12.98 -5.57
C2' DM6 E . 7.06 14.18 -6.48
C3' DM6 E . 6.92 13.82 -7.98
C4' DM6 E . 5.55 13.14 -8.26
C5' DM6 E . 5.33 11.95 -7.29
C6' DM6 E . 3.92 11.32 -7.41
O4' DM6 E . 5.50 12.72 -9.64
O5' DM6 E . 5.46 12.44 -5.93
N3' DM6 E . 7.12 15.02 -8.82
H1 DM6 E . 11.11 11.76 2.84
H2 DM6 E . 9.84 12.56 4.80
H3 DM6 E . 7.41 13.05 4.59
H7 DM6 E . 6.61 10.50 -4.86
H81 DM6 E . 8.09 8.71 -5.16
H82 DM6 E . 7.96 9.52 -6.70
H101 DM6 E . 10.47 11.81 -5.29
H102 DM6 E . 11.56 10.63 -4.61
H141 DM6 E . 11.49 7.67 -7.21
H142 DM6 E . 9.74 7.42 -7.17
H211 DM6 E . 6.02 14.51 1.19
H212 DM6 E . 6.23 14.88 2.92
H213 DM6 E . 4.62 14.43 2.29
HO6 DM6 E . 5.71 11.44 -1.71
HO9 DM6 E . 9.85 10.98 -7.31
HO11 DM6 E . 12.00 10.99 -1.23
HO14 DM6 E . 11.64 5.93 -5.54
H1' DM6 E . 6.77 13.29 -4.51
H2'1 DM6 E . 8.07 14.57 -6.27
H2'2 DM6 E . 6.36 14.99 -6.23
H3' DM6 E . 7.70 13.09 -8.22
H4' DM6 E . 4.76 13.89 -8.09
H5' DM6 E . 6.08 11.17 -7.48
H6'1 DM6 E . 3.79 10.53 -6.65
H6'2 DM6 E . 3.13 12.07 -7.25
H6'3 DM6 E . 3.78 10.86 -8.39
HO'4 DM6 E . 4.55 12.50 -9.87
HN'1 DM6 E . 6.36 15.70 -8.62
HN'2 DM6 E . 6.96 14.75 -9.79
C1 DM6 F . -2.33 -6.17 5.27
C2 DM6 F . -1.88 -4.84 5.31
C3 DM6 F . -2.74 -3.82 4.90
C4 DM6 F . -4.04 -4.11 4.45
C5 DM6 F . -5.92 -5.81 4.05
C6 DM6 F . -7.44 -7.60 3.04
C7 DM6 F . -9.02 -9.29 1.96
C8 DM6 F . -9.31 -10.81 1.81
C9 DM6 F . -8.87 -11.63 3.04
C10 DM6 F . -7.33 -11.45 3.16
C11 DM6 F . -5.71 -9.64 3.92
C12 DM6 F . -4.08 -7.92 4.86
C13 DM6 F . -9.60 -11.20 4.35
C14 DM6 F . -11.15 -11.23 4.33
C15 DM6 F . -3.64 -6.48 4.85
C16 DM6 F . -4.51 -5.45 4.45
C17 DM6 F . -6.25 -7.26 3.74
C18 DM6 F . -5.36 -8.28 4.16
C19 DM6 F . -6.91 -9.97 3.27
C20 DM6 F . -7.75 -8.95 2.77
C21 DM6 F . -4.35 -2.06 3.12
O4 DM6 F . -4.84 -3.07 4.03
O5 DM6 F . -6.79 -4.95 4.01
O6 DM6 F . -8.33 -6.66 2.61
O7 DM6 F . -8.84 -8.78 0.62
O9 DM6 F . -9.13 -13.02 2.75
O11 DM6 F . -4.88 -10.67 4.30
O12 DM6 F . -3.38 -8.76 5.43
O13 DM6 F . -9.02 -10.87 5.38
O14 DM6 F . -11.73 -9.91 4.33
C1' DM6 F . -10.01 -8.13 0.06
C2' DM6 F . -9.58 -7.28 -1.15
C3' DM6 F . -9.06 -8.15 -2.31
C4' DM6 F . -10.12 -9.24 -2.67
C5' DM6 F . -10.51 -10.05 -1.40
C6' DM6 F . -11.67 -11.04 -1.66
O4' DM6 F . -9.59 -10.12 -3.70
O5' DM6 F . -10.97 -9.12 -0.38
N3' DM6 F . -8.73 -7.31 -3.48
H1 DM6 F . -1.63 -6.96 5.59
H2 DM6 F . -0.88 -4.61 5.65
H3 DM6 F . -2.41 -2.79 4.95
H7 DM6 F . -9.87 -8.81 2.47
H81 DM6 F . -10.38 -10.95 1.62
H82 DM6 F . -8.79 -11.20 0.93
H101 DM6 F . -6.85 -11.88 2.26
H102 DM6 F . -6.97 -12.03 4.01
H141 DM6 F . -11.48 -11.81 5.20
H142 DM6 F . -11.47 -11.79 3.43
H211 DM6 F . -4.01 -2.51 2.19
H212 DM6 F . -3.52 -1.49 3.56
H213 DM6 F . -5.16 -1.35 2.89
HO6 DM6 F . -8.08 -5.75 2.95
HO9 DM6 F . -8.83 -13.59 3.54
HO11 DM6 F . -4.12 -10.31 4.84
HO14 DM6 F . -11.48 -9.46 5.19
H1' DM6 F . -10.47 -7.48 0.81
H2'1 DM6 F . -8.81 -6.56 -0.84
H2'2 DM6 F . -10.44 -6.68 -1.48
H3' DM6 F . -8.16 -8.66 -1.97
H4' DM6 F . -11.01 -8.74 -3.05
H5' DM6 F . -9.64 -10.61 -1.05
H6'1 DM6 F . -11.94 -11.57 -0.74
H6'2 DM6 F . -12.56 -10.52 -2.04
H6'3 DM6 F . -11.37 -11.80 -2.40
HO'4 DM6 F . -9.25 -9.53 -4.43
HN'1 DM6 F . -8.06 -6.59 -3.19
HN'2 DM6 F . -9.56 -6.78 -3.76
C1 DM6 E . 10.79 11.76 4.83
C2 DM6 E . 11.28 13.06 4.99
C3 DM6 E . 10.60 14.13 4.40
C4 DM6 E . 9.43 13.91 3.66
C5 DM6 E . 7.65 12.32 2.71
C6 DM6 E . 6.42 10.61 1.25
C7 DM6 E . 5.09 9.04 -0.22
C8 DM6 E . 4.51 7.59 -0.24
C9 DM6 E . 5.59 6.50 -0.03
C10 DM6 E . 6.28 6.75 1.33
C11 DM6 E . 7.68 8.49 2.58
C12 DM6 E . 9.12 10.10 3.94
C13 DM6 E . 4.95 5.07 -0.09
C14 DM6 E . 4.26 4.68 -1.41
C15 DM6 E . 9.61 11.52 4.09
C16 DM6 E . 8.92 12.59 3.50
C17 DM6 E . 7.37 10.90 2.28
C18 DM6 E . 8.03 9.81 2.92
C19 DM6 E . 6.70 8.21 1.59
C20 DM6 E . 6.09 9.29 0.91
C21 DM6 E . 9.51 15.84 2.17
O4 DM6 E . 8.80 15.00 3.08
O5 DM6 E . 6.86 13.22 2.45
O6 DM6 E . 5.83 11.62 0.54
O7 DM6 E . 5.75 9.31 -1.48
O9 DM6 E . 6.60 6.60 -1.06
O11 DM6 E . 8.26 7.41 3.20
O12 DM6 E . 9.64 9.21 4.59
O13 DM6 E . 5.01 4.29 0.86
O14 DM6 E . 4.59 3.35 -1.86
C1' DM6 E . 4.94 10.00 -2.45
C2' DM6 E . 5.89 10.80 -3.37
C3' DM6 E . 6.79 9.88 -4.22
C4' DM6 E . 5.93 8.83 -4.97
C5' DM6 E . 5.00 8.08 -3.98
C6' DM6 E . 4.01 7.14 -4.69
O4' DM6 E . 6.79 7.91 -5.68
O5' DM6 E . 4.21 9.05 -3.24
N3' DM6 E . 7.62 10.69 -5.15
H1 DM6 E . 11.33 10.94 5.29
H2 DM6 E . 12.19 13.23 5.56
H3 DM6 E . 10.98 15.14 4.52
H7 DM6 E . 4.24 9.72 -0.08
H81 DM6 E . 3.78 7.51 0.56
H82 DM6 E . 3.97 7.43 -1.17
H101 DM6 E . 7.15 6.08 1.41
H102 DM6 E . 5.60 6.46 2.14
H141 DM6 E . 4.54 5.41 -2.18
H142 DM6 E . 3.17 4.78 -1.25
H211 DM6 E . 9.88 15.26 1.32
H212 DM6 E . 10.36 16.34 2.65
H213 DM6 E . 8.85 16.62 1.78
HO6 DM6 E . 6.08 12.51 0.93
HO9 DM6 E . 6.82 7.57 -1.18
HO11 DM6 E . 8.94 7.74 3.85
HO14 DM6 E . 5.59 3.30 -2.00
H1' DM6 E . 4.25 10.70 -1.95
H2'1 DM6 E . 6.50 11.48 -2.76
H2'2 DM6 E . 5.28 11.43 -4.03
H3' DM6 E . 7.44 9.33 -3.52
H4' DM6 E . 5.30 9.36 -5.70
H5' DM6 E . 5.61 7.48 -3.30
H6'1 DM6 E . 3.37 6.63 -3.96
H6'2 DM6 E . 3.37 7.69 -5.39
H6'3 DM6 E . 4.55 6.36 -5.26
HO'4 DM6 E . 7.44 8.48 -6.20
HN'1 DM6 E . 8.15 11.39 -4.59
HN'2 DM6 E . 7.01 11.26 -5.73
C1 DM6 F . -2.01 -6.59 4.49
C2 DM6 F . -1.88 -5.19 4.46
C3 DM6 F . -2.80 -4.43 3.73
C4 DM6 F . -3.89 -5.05 3.08
C5 DM6 F . -5.32 -7.16 2.67
C6 DM6 F . -6.42 -9.38 1.97
C7 DM6 F . -7.59 -11.50 1.13
C8 DM6 F . -7.48 -13.05 1.09
C9 DM6 F . -6.67 -13.65 2.25
C10 DM6 F . -5.25 -13.04 2.14
C11 DM6 F . -4.23 -10.83 2.95
C12 DM6 F . -3.17 -8.73 3.91
C13 DM6 F . -7.31 -13.39 3.65
C14 DM6 F . -6.43 -13.67 4.90
C15 DM6 F . -3.10 -7.22 3.86
C16 DM6 F . -4.09 -6.46 3.20
C17 DM6 F . -5.34 -8.68 2.58
C18 DM6 F . -4.25 -9.42 3.12
C19 DM6 F . -5.28 -11.50 2.29
C20 DM6 F . -6.38 -10.78 1.80
C21 DM6 F . -4.26 -3.15 1.54
O4 DM6 F . -4.74 -4.29 2.31
O5 DM6 F . -6.30 -6.49 2.34
O6 DM6 F . -7.56 -8.73 1.56
O7 DM6 F . -7.71 -11.05 -0.23
O9 DM6 F . -6.54 -15.08 2.03
O11 DM6 F . -3.18 -11.59 3.40
O12 DM6 F . -2.37 -9.34 4.60
O13 DM6 F . -8.48 -13.02 3.77
O14 DM6 F . -7.18 -13.74 6.14
C1' DM6 F . -9.06 -10.69 -0.62
C2' DM6 F . -9.02 -10.02 -2.03
C3' DM6 F . -8.63 -11.02 -3.13
C4' DM6 F . -9.56 -12.26 -3.08
C5' DM6 F . -9.55 -12.87 -1.65
C6' DM6 F . -10.56 -14.03 -1.48
O4' DM6 F . -9.17 -13.24 -4.06
O5' DM6 F . -9.91 -11.86 -0.68
N3' DM6 F . -8.66 -10.36 -4.45
H1 DM6 F . -1.26 -7.16 5.03
H2 DM6 F . -1.05 -4.71 4.96
H3 DM6 F . -2.68 -3.36 3.68
H7 DM6 F . -8.48 -11.24 1.72
H81 DM6 F . -8.49 -13.48 1.07
H82 DM6 F . -7.00 -13.35 0.14
H101 DM6 F . -4.82 -13.29 1.17
H102 DM6 F . -4.59 -13.51 2.88
H141 DM6 F . -5.68 -12.87 4.94
H142 DM6 F . -5.90 -14.61 4.70
H211 DM6 F . -3.40 -3.43 0.93
H212 DM6 F . -3.97 -2.33 2.22
H213 DM6 F . -5.06 -2.78 0.89
HO6 DM6 F . -7.46 -7.74 1.70
HO9 DM6 F . -7.46 -15.50 2.09
HO11 DM6 F . -2.54 -11.02 3.92
HO14 DM6 F . -7.89 -14.44 6.05
H1' DM6 F . -9.46 -9.97 0.10
H2'1 DM6 F . -8.32 -9.18 -2.00
H2'2 DM6 F . -10.00 -9.60 -2.24
H3' DM6 F . -7.61 -11.37 -2.92
H4' DM6 F . -10.59 -11.93 -3.29
H5' DM6 F . -8.54 -13.25 -1.45
H6'1 DM6 F . -10.32 -14.86 -2.16
H6'2 DM6 F . -10.55 -14.41 -0.45
H6'3 DM6 F . -11.58 -13.70 -1.71
HO'4 DM6 F . -9.47 -12.92 -4.97
HN'1 DM6 F . -8.29 -11.01 -5.15
HN'2 DM6 F . -7.98 -9.58 -4.45
C1 DM6 E . 9.75 12.01 4.95
C2 DM6 E . 10.01 13.36 5.21
C3 DM6 E . 9.28 14.34 4.52
C4 DM6 E . 8.31 13.98 3.57
C5 DM6 E . 7.00 12.18 2.30
C6 DM6 E . 6.09 10.30 0.81
C7 DM6 E . 5.13 8.51 -0.74
C8 DM6 E . 4.47 7.14 -0.53
C9 DM6 E . 5.45 6.00 -0.13
C10 DM6 E . 6.25 6.44 1.12
C11 DM6 E . 7.39 8.36 2.35
C12 DM6 E . 8.54 10.16 3.76
C13 DM6 E . 4.69 4.68 0.14
C14 DM6 E . 5.54 3.45 0.52
C15 DM6 E . 8.77 11.62 4.01
C16 DM6 E . 8.03 12.61 3.31
C17 DM6 E . 6.89 10.71 1.91
C18 DM6 E . 7.60 9.73 2.65
C19 DM6 E . 6.55 7.95 1.30
C20 DM6 E . 5.95 8.93 0.48
C21 DM6 E . 8.37 15.85 2.03
O4 DM6 E . 7.65 15.00 2.93
O5 DM6 E . 6.24 13.01 1.81
O6 DM6 E . 5.44 11.20 0.02
O7 DM6 E . 5.99 8.40 -1.90
O9 DM6 E . 6.38 5.78 -1.22
O11 DM6 E . 7.99 7.37 3.09
O12 DM6 E . 9.14 9.34 4.44
O13 DM6 E . 3.47 4.58 0.04
O14 DM6 E . 5.51 3.18 1.94
C1' DM6 E . 6.33 9.63 -2.58
C2' DM6 E . 7.30 9.29 -3.73
C3' DM6 E . 6.62 8.39 -4.80
C4' DM6 E . 5.29 9.03 -5.28
C5' DM6 E . 4.39 9.40 -4.06
C6' DM6 E . 3.13 10.19 -4.47
O4' DM6 E . 4.60 8.15 -6.19
O5' DM6 E . 5.14 10.23 -3.14
N3' DM6 E . 7.57 8.14 -5.91
H1 DM6 E . 10.32 11.25 5.49
H2 DM6 E . 10.75 13.64 5.94
H3 DM6 E . 9.47 15.38 4.73
H7 DM6 E . 4.32 9.23 -0.93
H81 DM6 E . 3.73 7.25 0.26
H82 DM6 E . 3.92 6.86 -1.45
H101 DM6 E . 7.18 5.86 1.17
H102 DM6 E . 5.67 6.13 2.01
H141 DM6 E . 6.57 3.63 0.17
H142 DM6 E . 5.15 2.60 -0.05
H211 DM6 E . 9.18 16.38 2.54
H212 DM6 E . 7.69 16.59 1.58
H213 DM6 E . 8.81 15.25 1.21
HO6 DM6 E . 5.59 12.13 0.37
HO9 DM6 E . 6.58 6.70 -1.60
HO11 DM6 E . 8.62 7.78 3.75
HO14 DM6 E . 6.11 2.38 2.11
H1' DM6 E . 6.81 10.33 -1.89
H2'1 DM6 E . 8.18 8.78 -3.32
H2'2 DM6 E . 7.65 10.22 -4.18
H3' DM6 E . 6.37 7.44 -4.31
H4' DM6 E . 5.53 9.98 -5.80
H5' DM6 E . 4.08 8.47 -3.57
H6'1 DM6 E . 2.55 10.48 -3.58
H6'2 DM6 E . 3.39 11.09 -5.02
H6'3 DM6 E . 2.47 9.58 -5.11
HO'4 DM6 E . 5.09 8.17 -7.06
HN'1 DM6 E . 7.16 7.44 -6.53
HN'2 DM6 E . 8.40 7.67 -5.53
C1 DM6 F . -1.81 -6.86 5.81
C2 DM6 F . -1.53 -5.51 6.09
C3 DM6 F . -2.39 -4.51 5.61
C4 DM6 F . -3.52 -4.86 4.86
C5 DM6 F . -5.11 -6.63 3.87
C6 DM6 F . -6.47 -8.52 2.81
C7 DM6 F . -7.85 -10.35 1.63
C8 DM6 F . -8.36 -11.69 2.20
C9 DM6 F . -7.27 -12.80 2.40
C10 DM6 F . -5.83 -12.24 2.21
C11 DM6 F . -4.52 -10.42 3.50
C12 DM6 F . -3.19 -8.68 4.78
C13 DM6 F . -7.44 -13.47 3.81
C14 DM6 F . -6.84 -12.74 5.03
C15 DM6 F . -2.96 -7.22 5.08
C16 DM6 F . -3.84 -6.22 4.61
C17 DM6 F . -5.33 -8.10 3.53
C18 DM6 F . -4.36 -9.08 3.92
C19 DM6 F . -5.65 -10.81 2.74
C20 DM6 F . -6.63 -9.87 2.42
C21 DM6 F . -3.69 -2.95 3.37
O4 DM6 F . -4.28 -3.82 4.36
O5 DM6 F . -5.93 -5.78 3.54
O6 DM6 F . -7.48 -7.66 2.44
O7 DM6 F . -7.50 -10.56 0.24
O9 DM6 F . -7.45 -13.80 1.36
O11 DM6 F . -3.60 -11.39 3.79
O12 DM6 F . -2.42 -9.50 5.26
O13 DM6 F . -8.04 -14.54 3.94
O14 DM6 F . -7.32 -13.24 6.31
C1' DM6 F . -7.39 -9.37 -0.55
C2' DM6 F . -6.87 -9.76 -1.95
C3' DM6 F . -7.90 -10.64 -2.69
C4' DM6 F . -9.30 -9.97 -2.72
C5' DM6 F . -9.73 -9.57 -1.28
C6' DM6 F . -11.03 -8.75 -1.24
O4' DM6 F . -10.26 -10.87 -3.33
O5' DM6 F . -8.69 -8.74 -0.70
N3' DM6 F . -7.43 -10.95 -4.06
H1 DM6 F . -1.12 -7.61 6.19
H2 DM6 F . -0.65 -5.24 6.66
H3 DM6 F . -2.17 -3.47 5.81
H7 DM6 F . -8.67 -9.64 1.70
H81 DM6 F . -8.83 -11.47 3.17
H82 DM6 F . -9.19 -12.07 1.58
H101 DM6 F . -5.59 -12.24 1.14
H102 DM6 F . -5.11 -12.95 2.65
H141 DM6 F . -7.08 -11.67 4.93
H142 DM6 F . -5.75 -12.83 4.97
H211 DM6 F . -2.74 -2.53 3.73
H212 DM6 F . -4.37 -2.12 3.15
H213 DM6 F . -3.50 -3.50 2.44
HO6 DM6 F . -7.19 -6.71 2.63
HO9 DM6 F . -8.25 -14.37 1.61
HO11 DM6 F . -2.85 -11.00 4.34
HO14 DM6 F . -7.20 -14.24 6.30
H1' DM6 F . -6.68 -8.66 -0.09
H2'1 DM6 F . -5.92 -10.29 -1.86
H2'2 DM6 F . -6.68 -8.85 -2.53
H3' DM6 F . -7.99 -11.59 -2.13
H4' DM6 F . -9.23 -9.06 -3.32
H5' DM6 F . -9.87 -10.48 -0.68
H6'1 DM6 F . -11.89 -9.34 -1.61
H6'2 DM6 F . -11.27 -8.43 -0.22
H6'3 DM6 F . -10.95 -7.85 -1.87
HO'4 DM6 F . -11.10 -10.35 -3.52
HN'1 DM6 F . -7.40 -10.08 -4.60
HN'2 DM6 F . -8.18 -11.49 -4.52
C1 DM6 E . 9.66 12.02 4.44
C2 DM6 E . 9.93 13.39 4.54
C3 DM6 E . 9.24 14.29 3.72
C4 DM6 E . 8.30 13.82 2.80
C5 DM6 E . 6.99 11.91 1.70
C6 DM6 E . 6.21 9.90 0.32
C7 DM6 E . 5.37 8.01 -1.15
C8 DM6 E . 5.06 6.49 -1.10
C9 DM6 E . 6.28 5.63 -0.71
C10 DM6 E . 6.78 6.09 0.68
C11 DM6 E . 7.62 8.12 1.97
C12 DM6 E . 8.47 10.04 3.41
C13 DM6 E . 5.89 4.12 -0.72
C14 DM6 E . 5.85 3.43 -2.11
C15 DM6 E . 8.71 11.53 3.51
C16 DM6 E . 8.01 12.43 2.68
C17 DM6 E . 6.95 10.41 1.41
C18 DM6 E . 7.67 9.51 2.25
C19 DM6 E . 6.86 7.62 0.89
C20 DM6 E . 6.16 8.51 0.06
C21 DM6 E . 8.43 15.53 1.05
O4 DM6 E . 7.67 14.77 2.01
O5 DM6 E . 6.22 12.67 1.14
O6 DM6 E . 5.54 10.72 -0.54
O7 DM6 E . 6.15 8.30 -2.34
O9 DM6 E . 7.35 5.85 -1.66
O11 DM6 E . 8.29 7.22 2.74
O12 DM6 E . 8.96 9.31 4.26
O13 DM6 E . 5.63 3.49 0.30
O14 DM6 E . 5.04 2.24 -2.14
C1' DM6 E . 5.42 8.95 -3.40
C2' DM6 E . 6.43 9.56 -4.39
C3' DM6 E . 7.23 8.46 -5.15
C4' DM6 E . 6.27 7.42 -5.79
C5' DM6 E . 5.29 6.87 -4.72
C6' DM6 E . 4.23 5.93 -5.29
O4' DM6 E . 7.03 6.36 -6.40
O5' DM6 E . 4.59 7.98 -4.10
N3' DM6 E . 8.13 9.10 -6.15
H1 DM6 E . 10.21 11.32 5.08
H2 DM6 E . 10.66 13.74 5.25
H3 DM6 E . 9.44 15.36 3.81
H7 DM6 E . 4.40 8.54 -1.18
H81 DM6 E . 4.27 6.34 -0.35
H82 DM6 E . 4.62 6.16 -2.05
H101 DM6 E . 7.75 5.62 0.87
H102 DM6 E . 6.11 5.70 1.45
H141 DM6 E . 6.89 3.22 -2.39
H142 DM6 E . 5.47 4.17 -2.83
H211 DM6 E . 9.20 16.13 1.55
H212 DM6 E . 7.76 16.20 0.50
H213 DM6 E . 8.91 14.86 0.33
HO6 DM6 E . 5.64 11.67 -0.24
HO9 DM6 E . 7.36 6.83 -1.86
HO11 DM6 E . 8.78 7.70 3.47
HO14 DM6 E . 5.37 1.62 -1.43
H1' DM6 E . 4.79 9.75 -2.99
H2'1 DM6 E . 7.11 10.22 -3.86
H2'2 DM6 E . 5.88 10.17 -5.12
H3' DM6 E . 7.84 7.93 -4.40
H4' DM6 E . 5.67 7.93 -6.55
H5' DM6 E . 5.88 6.33 -3.96
H6'1 DM6 E . 3.56 5.56 -4.50
H6'2 DM6 E . 3.61 6.44 -6.05
H6'3 DM6 E . 4.69 5.04 -5.76
HO'4 DM6 E . 7.72 6.81 -6.98
HN'1 DM6 E . 8.72 9.78 -5.68
HN'2 DM6 E . 7.55 9.65 -6.80
C1 DM6 F . -2.73 -6.36 5.55
C2 DM6 F . -2.30 -5.03 5.39
C3 DM6 F . -2.99 -4.18 4.53
C4 DM6 F . -4.11 -4.64 3.83
C5 DM6 F . -5.85 -6.47 3.35
C6 DM6 F . -6.99 -8.53 2.34
C7 DM6 F . -8.13 -10.49 1.21
C8 DM6 F . -8.57 -11.95 1.48
C9 DM6 F . -7.39 -12.88 1.85
C10 DM6 F . -6.65 -12.31 3.08
C11 DM6 F . -5.51 -10.24 4.02
C12 DM6 F . -4.32 -8.24 5.08
C13 DM6 F . -7.94 -14.32 2.14
C14 DM6 F . -7.78 -15.38 1.02
C15 DM6 F . -3.88 -6.83 4.88
C16 DM6 F . -4.60 -5.96 4.02
C17 DM6 F . -6.05 -7.97 3.25
C18 DM6 F . -5.31 -8.83 4.10
C19 DM6 F . -6.42 -10.79 3.09
C20 DM6 F . -7.16 -9.93 2.24
C21 DM6 F . -3.99 -3.43 1.74
O4 DM6 F . -4.70 -3.77 2.94
O5 DM6 F . -6.71 -5.68 2.94
O6 DM6 F . -7.73 -7.74 1.49
O7 DM6 F . -7.49 -10.41 -0.10
O9 DM6 F . -6.44 -12.93 0.76
O11 DM6 F . -4.83 -11.11 4.83
O12 DM6 F . -3.87 -8.89 6.02
O13 DM6 F . -8.48 -14.59 3.21
O14 DM6 F . -8.53 -16.59 1.25
C1' DM6 F . -8.31 -9.91 -1.16
C2' DM6 F . -7.40 -9.49 -2.34
C3' DM6 F . -6.71 -10.71 -2.98
C4' DM6 F . -7.75 -11.79 -3.37
C5' DM6 F . -8.64 -12.14 -2.13
C6' DM6 F . -9.79 -13.11 -2.47
O4' DM6 F . -7.10 -12.96 -3.89
O5' DM6 F . -9.23 -10.93 -1.62
N3' DM6 F . -5.91 -10.28 -4.16
H1 DM6 F . -2.18 -7.02 6.23
H2 DM6 F . -1.43 -4.68 5.95
H3 DM6 F . -2.66 -3.15 4.40
H7 DM6 F . -9.04 -9.87 1.21
H81 DM6 F . -9.27 -11.94 2.32
H82 DM6 F . -9.13 -12.35 0.63
H101 DM6 F . -5.70 -12.84 3.20
H102 DM6 F . -7.22 -12.55 3.99
H141 DM6 F . -6.71 -15.59 0.93
H142 DM6 F . -8.09 -14.90 0.09
H211 DM6 F . -2.99 -3.06 1.96
H212 DM6 F . -4.53 -2.67 1.17
H213 DM6 F . -3.89 -4.32 1.10
HO6 DM6 F . -7.53 -6.78 1.65
HO9 DM6 F . -6.28 -11.98 0.47
HO11 DM6 F . -4.28 -10.60 5.50
HO14 DM6 F . -8.28 -16.95 2.16
H1' DM6 F . -8.87 -9.02 -0.82
H2'1 DM6 F . -6.67 -8.76 -1.99
H2'2 DM6 F . -8.02 -8.97 -3.08
H3' DM6 F . -6.04 -11.15 -2.23
H4' DM6 F . -8.42 -11.37 -4.14
H5' DM6 F . -8.00 -12.62 -1.38
H6'1 DM6 F . -9.41 -14.06 -2.84
H6'2 DM6 F . -10.41 -13.30 -1.60
H6'3 DM6 F . -10.44 -12.69 -3.26
HO'4 DM6 F . -6.47 -12.65 -4.61
HN'1 DM6 F . -5.29 -9.51 -3.88
HN'2 DM6 F . -6.54 -9.86 -4.85
C1 DM6 E . 7.67 11.87 3.86
C2 DM6 E . 7.33 13.22 4.00
C3 DM6 E . 6.80 13.91 2.90
C4 DM6 E . 6.60 13.25 1.67
C5 DM6 E . 6.68 11.12 0.24
C6 DM6 E . 6.44 8.84 -0.90
C7 DM6 E . 6.27 6.61 -2.15
C8 DM6 E . 5.69 5.27 -1.66
C9 DM6 E . 6.69 4.42 -0.83
C10 DM6 E . 7.70 5.32 -0.01
C11 DM6 E . 7.72 7.56 1.25
C12 DM6 E . 7.91 9.76 2.54
C13 DM6 E . 5.91 3.46 0.13
C14 DM6 E . 5.56 2.06 -0.42
C15 DM6 E . 7.48 11.19 2.64
C16 DM6 E . 6.91 11.87 1.54
C17 DM6 E . 6.87 9.61 0.22
C18 DM6 E . 7.49 8.95 1.32
C19 DM6 E . 7.34 6.80 0.12
C20 DM6 E . 6.69 7.45 -0.95
C21 DM6 E . 6.67 15.23 0.22
O4 DM6 E . 6.08 13.98 0.63
O5 DM6 E . 6.39 11.72 -0.79
O6 DM6 E . 5.81 9.40 -1.97
O7 DM6 E . 7.41 6.34 -3.01
O9 DM6 E . 7.48 3.66 -1.77
O11 DM6 E . 8.37 6.88 2.27
O12 DM6 E . 8.60 9.28 3.42
O13 DM6 E . 5.58 3.79 1.25
O14 DM6 E . 6.59 1.08 -0.15
C1' DM6 E . 7.95 7.48 -3.71
C2' DM6 E . 9.21 7.03 -4.47
C3' DM6 E . 8.87 6.04 -5.61
C4' DM6 E . 7.76 6.62 -6.53
C5' DM6 E . 6.53 7.06 -5.67
C6' DM6 E . 5.45 7.78 -6.49
O4' DM6 E . 7.36 5.65 -7.52
O5' DM6 E . 7.00 7.99 -4.65
N3' DM6 E . 10.11 5.70 -6.37
H1 DM6 E . 8.09 11.36 4.72
H2 DM6 E . 7.47 13.73 4.94
H3 DM6 E . 6.51 14.95 3.01
H7 DM6 E . 5.48 7.12 -2.73
H81 DM6 E . 4.81 5.49 -1.04
H82 DM6 E . 5.31 4.68 -2.51
H101 DM6 E . 8.69 5.28 -0.49
H102 DM6 E . 7.86 4.85 0.97
H141 DM6 E . 5.36 2.15 -1.49
H142 DM6 E . 4.62 1.76 0.07
H211 DM6 E . 6.59 15.98 1.01
H212 DM6 E . 6.17 15.62 -0.67
H213 DM6 E . 7.73 15.08 -0.02
HO6 DM6 E . 5.82 10.39 -1.89
HO9 DM6 E . 7.84 4.31 -2.45
HO11 DM6 E . 8.84 7.53 2.85
HO14 DM6 E . 7.42 1.36 -0.66
H1' DM6 E . 8.23 8.26 -2.99
H2'1 DM6 E . 9.92 6.57 -3.77
H2'2 DM6 E . 9.71 7.92 -4.88
H3' DM6 E . 8.47 5.13 -5.14
H4' DM6 E . 8.15 7.52 -7.02
H5' DM6 E . 6.09 6.17 -5.19
H6'1 DM6 E . 4.63 8.11 -5.84
H6'2 DM6 E . 5.87 8.66 -6.99
H6'3 DM6 E . 5.03 7.12 -7.25
HO'4 DM6 E . 8.02 5.69 -8.28
HN'1 DM6 E . 10.44 6.53 -6.86
HN'2 DM6 E . 9.87 5.03 -7.11
C1 DM6 F . -2.19 -6.55 3.20
C2 DM6 F . -1.60 -5.30 3.01
C3 DM6 F . -2.40 -4.18 2.79
C4 DM6 F . -3.81 -4.28 2.75
C5 DM6 F . -5.93 -5.72 2.96
C6 DM6 F . -7.87 -7.33 2.46
C7 DM6 F . -9.87 -8.84 1.91
C8 DM6 F . -10.39 -10.30 1.98
C9 DM6 F . -9.55 -11.23 2.88
C10 DM6 F . -8.11 -11.16 2.33
C11 DM6 F . -6.18 -9.55 2.80
C12 DM6 F . -4.21 -8.04 3.36
C13 DM6 F . -9.61 -10.84 4.39
C14 DM6 F . -8.64 -11.59 5.34
C15 DM6 F . -3.61 -6.69 3.16
C16 DM6 F . -4.42 -5.55 2.95
C17 DM6 F . -6.50 -7.13 2.80
C18 DM6 F . -5.65 -8.25 2.97
C19 DM6 F . -7.53 -9.75 2.46
C20 DM6 F . -8.38 -8.64 2.27
C21 DM6 F . -4.01 -1.90 2.04
O4 DM6 F . -4.57 -3.16 2.50
O5 DM6 F . -6.67 -4.76 3.11
O6 DM6 F . -8.74 -6.29 2.32
O7 DM6 F . -10.10 -8.38 0.55
O9 DM6 F . -10.03 -12.58 2.69
O11 DM6 F . -5.39 -10.67 2.93
O12 DM6 F . -3.52 -8.94 3.85
O13 DM6 F . -10.39 -9.99 4.82
O14 DM6 F . -9.09 -11.63 6.72
C1' DM6 F . -11.19 -7.43 0.39
C2' DM6 F . -11.32 -7.04 -1.10
C3' DM6 F . -11.85 -8.19 -1.97
C4' DM6 F . -13.19 -8.72 -1.39
C5' DM6 F . -12.99 -9.12 0.10
C6' DM6 F . -14.31 -9.53 0.80
O4' DM6 F . -13.66 -9.85 -2.16
O5' DM6 F . -12.46 -7.98 0.84
N3' DM6 F . -12.00 -7.75 -3.38
H1 DM6 F . -1.57 -7.42 3.36
H2 DM6 F . -0.52 -5.21 3.04
H3 DM6 F . -1.91 -3.22 2.65
H7 DM6 F . -10.46 -8.23 2.62
H81 DM6 F . -11.43 -10.29 2.33
H82 DM6 F . -10.40 -10.72 0.98
H101 DM6 F . -8.10 -11.46 1.28
H102 DM6 F . -7.50 -11.91 2.85
H141 DM6 F . -7.67 -11.08 5.26
H142 DM6 F . -8.52 -12.61 4.95
H211 DM6 F . -3.44 -2.05 1.13
H212 DM6 F . -3.38 -1.47 2.82
H213 DM6 F . -4.83 -1.20 1.82
HO6 DM6 F . -8.31 -5.44 2.64
HO9 DM6 F . -10.97 -12.64 3.04
HO11 DM6 F . -4.48 -10.41 3.28
HO14 DM6 F . -9.31 -10.69 7.00
H1' DM6 F . -10.96 -6.54 0.98
H2'1 DM6 F . -10.35 -6.70 -1.48
H2'2 DM6 F . -11.99 -6.18 -1.18
H3' DM6 F . -11.12 -9.01 -1.93
H4' DM6 F . -13.92 -7.92 -1.42
H5' DM6 F . -12.29 -9.96 0.14
H6'1 DM6 F . -14.12 -9.77 1.85
H6'2 DM6 F . -15.04 -8.72 0.75
H6'3 DM6 F . -14.73 -10.41 0.32
HO'4 DM6 F . -13.63 -9.56 -3.12
HN'1 DM6 F . -11.12 -7.38 -3.71
HN'2 DM6 F . -12.64 -6.95 -3.40
C1 DM6 E . 6.94 11.01 3.64
C2 DM6 E . 6.79 12.36 3.97
C3 DM6 E . 6.49 13.28 2.95
C4 DM6 E . 6.31 12.84 1.63
C5 DM6 E . 6.13 10.95 -0.09
C6 DM6 E . 6.55 9.07 -1.79
C7 DM6 E . 6.91 7.23 -3.55
C8 DM6 E . 6.38 5.79 -3.54
C9 DM6 E . 7.16 4.80 -2.61
C10 DM6 E . 8.01 5.53 -1.53
C11 DM6 E . 7.47 7.34 0.23
C12 DM6 E . 6.98 9.09 2.01
C13 DM6 E . 6.16 3.78 -1.93
C14 DM6 E . 5.20 4.34 -0.87
C15 DM6 E . 6.78 10.54 2.32
C16 DM6 E . 6.42 11.46 1.30
C17 DM6 E . 6.57 9.53 -0.45
C18 DM6 E . 7.00 8.64 0.58
C19 DM6 E . 7.45 6.91 -1.12
C20 DM6 E . 6.97 7.77 -2.12
C21 DM6 E . 7.10 14.68 0.26
O4 DM6 E . 6.04 13.79 0.67
O5 DM6 E . 5.55 11.65 -0.91
O6 DM6 E . 6.12 9.86 -2.83
O7 DM6 E . 8.23 7.23 -4.13
O9 DM6 E . 8.09 4.08 -3.46
O11 DM6 E . 7.97 6.48 1.16
O12 DM6 E . 7.15 8.31 2.94
O13 DM6 E . 6.17 2.59 -2.22
O14 DM6 E . 5.32 3.62 0.39
C1' DM6 E . 8.73 8.51 -4.57
C2' DM6 E . 10.20 8.34 -5.01
C3' DM6 E . 10.32 7.41 -6.24
C4' DM6 E . 9.39 7.88 -7.38
C5' DM6 E . 7.93 8.07 -6.86
C6' DM6 E . 7.00 8.70 -7.91
O4' DM6 E . 9.43 6.91 -8.47
O5' DM6 E . 7.96 8.97 -5.72
N3' DM6 E . 11.74 7.34 -6.67
H1 DM6 E . 7.19 10.31 4.44
H2 DM6 E . 6.92 12.71 4.98
H3 DM6 E . 6.38 14.34 3.19
H7 DM6 E . 6.22 7.83 -4.17
H81 DM6 E . 5.33 5.84 -3.22
H82 DM6 E . 6.34 5.40 -4.57
H101 DM6 E . 9.02 5.70 -1.92
H102 DM6 E . 8.14 4.87 -0.67
H141 DM6 E . 4.19 4.25 -1.27
H142 DM6 E . 5.40 5.40 -0.72
H211 DM6 E . 7.93 14.11 -0.18
H212 DM6 E . 7.47 15.27 1.09
H213 DM6 E . 6.72 15.36 -0.52
HO6 DM6 E . 5.87 10.77 -2.49
HO9 DM6 E . 8.40 3.26 -2.97
HO11 DM6 E . 7.89 6.88 2.08
HO14 DM6 E . 5.09 2.67 0.22
H1' DM6 E . 8.67 9.24 -3.76
H2'1 DM6 E . 10.78 7.95 -4.18
H2'2 DM6 E . 10.61 9.33 -5.25
H3' DM6 E . 9.98 6.41 -5.92
H4' DM6 E . 9.75 8.84 -7.75
H5' DM6 E . 7.52 7.09 -6.57
H6'1 DM6 E . 6.00 8.87 -7.47
H6'2 DM6 E . 7.39 9.67 -8.26
H6'3 DM6 E . 6.87 8.05 -8.77
HO'4 DM6 E . 9.05 7.35 -9.29
HN'1 DM6 E . 11.78 6.69 -7.47
HN'2 DM6 E . 12.30 6.87 -5.94
C1 DM6 F . -2.35 -5.88 4.89
C2 DM6 F . -1.89 -4.56 4.88
C3 DM6 F . -2.78 -3.52 4.55
C4 DM6 F . -4.12 -3.79 4.26
C5 DM6 F . -6.07 -5.45 4.10
C6 DM6 F . -7.70 -7.20 3.21
C7 DM6 F . -9.32 -8.87 2.12
C8 DM6 F . -9.95 -10.19 2.64
C9 DM6 F . -8.93 -11.32 3.04
C10 DM6 F . -7.48 -10.96 2.61
C11 DM6 F . -5.84 -9.26 3.66
C12 DM6 F . -4.16 -7.60 4.64
C13 DM6 F . -8.95 -11.65 4.58
C14 DM6 F . -9.09 -10.49 5.60
C15 DM6 F . -3.70 -6.17 4.61
C16 DM6 F . -4.60 -5.12 4.31
C17 DM6 F . -6.44 -6.88 3.78
C18 DM6 F . -5.50 -7.93 4.02
C19 DM6 F . -7.07 -9.55 3.05
C20 DM6 F . -8.01 -8.52 2.82
C21 DM6 F . -4.64 -1.99 2.70
O4 DM6 F . -4.93 -2.74 3.90
O5 DM6 F . -6.93 -4.58 4.22
O6 DM6 F . -8.65 -6.24 2.97
O7 DM6 F . -9.05 -9.04 0.71
O9 DM6 F . -9.30 -12.50 2.29
O11 DM6 F . -4.96 -10.31 3.85
O12 DM6 F . -3.45 -8.47 5.14
O13 DM6 F . -8.81 -12.81 4.98
O14 DM6 F . -8.62 -10.81 6.93
C1' DM6 F . -9.05 -7.84 -0.08
C2' DM6 F . -8.60 -8.20 -1.51
C3' DM6 F . -9.59 -9.15 -2.20
C4' DM6 F . -11.03 -8.56 -2.14
C5' DM6 F . -11.41 -8.18 -0.68
C6' DM6 F . -12.75 -7.43 -0.60
O4' DM6 F . -11.97 -9.50 -2.70
O5' DM6 F . -10.39 -7.29 -0.15
N3' DM6 F . -9.17 -9.42 -3.59
H1 DM6 F . -1.66 -6.68 5.14
H2 DM6 F . -0.86 -4.34 5.14
H3 DM6 F . -2.41 -2.49 4.55
H7 DM6 F . -10.06 -8.08 2.26
H81 DM6 F . -10.60 -9.95 3.48
H82 DM6 F . -10.64 -10.56 1.87
H101 DM6 F . -7.39 -11.03 1.52
H102 DM6 F . -6.80 -11.72 3.01
H141 DM6 F . -10.16 -10.22 5.63
H142 DM6 F . -8.55 -9.61 5.21
H211 DM6 F . -4.68 -2.65 1.83
H212 DM6 F . -3.65 -1.53 2.76
H213 DM6 F . -5.37 -1.18 2.58
HO6 DM6 F . -8.44 -5.42 3.50
HO9 DM6 F . -8.85 -13.30 2.71
HO11 DM6 F . -4.17 -9.99 4.37
HO14 DM6 F . -7.67 -11.15 6.85
H1' DM6 F . -8.37 -7.10 0.36
H2'1 DM6 F . -7.60 -8.66 -1.47
H2'2 DM6 F . -8.49 -7.27 -2.09
H3' DM6 F . -9.60 -10.10 -1.64
H4' DM6 F . -11.05 -7.64 -2.74
H5' DM6 F . -11.48 -9.10 -0.08
H6'1 DM6 F . -12.97 -7.16 0.45
H6'2 DM6 F . -12.74 -6.52 -1.20
H6'3 DM6 F . -13.58 -8.07 -0.95
HO'4 DM6 F . -11.60 -9.80 -3.58
HN'1 DM6 F . -8.22 -9.79 -3.58
HN'2 DM6 F . -9.09 -8.54 -4.10
C1 DM6 E . 7.66 10.93 3.08
C2 DM6 E . 7.89 12.10 3.82
C3 DM6 E . 7.63 13.35 3.24
C4 DM6 E . 7.12 13.44 1.94
C5 DM6 E . 6.30 12.32 -0.21
C6 DM6 E . 6.11 11.15 -2.48
C7 DM6 E . 6.01 10.16 -4.82
C8 DM6 E . 5.84 8.80 -5.56
C9 DM6 E . 6.86 7.73 -5.11
C10 DM6 E . 6.68 7.50 -3.59
C11 DM6 E . 6.79 8.67 -1.34
C12 DM6 E . 6.98 9.73 0.99
C13 DM6 E . 6.64 6.42 -5.92
C14 DM6 E . 7.37 6.33 -7.29
C15 DM6 E . 7.16 11.01 1.76
C16 DM6 E . 6.88 12.26 1.18
C17 DM6 E . 6.37 11.08 -1.09
C18 DM6 E . 6.70 9.82 -0.51
C19 DM6 E . 6.58 8.77 -2.73
C20 DM6 E . 6.24 10.01 -3.30
C21 DM6 E . 7.89 15.71 1.43
O4 DM6 E . 6.87 14.69 1.42
O5 DM6 E . 5.78 13.35 -0.64
O6 DM6 E . 5.77 12.33 -3.09
O7 DM6 E . 7.14 10.86 -5.37
O9 DM6 E . 8.21 8.22 -5.33
O11 DM6 E . 7.10 7.43 -0.83
O12 DM6 E . 7.07 8.65 1.56
O13 DM6 E . 5.92 5.50 -5.53
O14 DM6 E . 6.80 5.36 -8.20
C1' DM6 E . 6.81 11.94 -6.27
C2' DM6 E . 8.02 12.88 -6.39
C3' DM6 E . 9.23 12.22 -7.08
C4' DM6 E . 8.79 11.59 -8.43
C5' DM6 E . 7.57 10.66 -8.23
C6' DM6 E . 7.00 10.12 -9.56
O4' DM6 E . 9.90 10.89 -9.05
O5' DM6 E . 6.51 11.40 -7.58
N3' DM6 E . 10.31 13.21 -7.25
H1 DM6 E . 7.87 9.97 3.53
H2 DM6 E . 8.27 12.04 4.84
H3 DM6 E . 7.81 14.25 3.82
H7 DM6 E . 5.08 10.73 -4.97
H81 DM6 E . 4.83 8.43 -5.36
H82 DM6 E . 5.89 8.96 -6.64
H101 DM6 E . 7.50 6.85 -3.25
H102 DM6 E . 5.77 6.91 -3.42
H141 DM6 E . 8.43 6.10 -7.08
H142 DM6 E . 7.35 7.34 -7.74
H211 DM6 E . 8.80 15.36 0.92
H212 DM6 E . 8.15 16.00 2.46
H213 DM6 E . 7.53 16.61 0.91
HO6 DM6 E . 5.70 13.06 -2.42
HO9 DM6 E . 8.22 9.18 -5.05
HO11 DM6 E . 7.19 7.50 0.17
HO14 DM6 E . 6.77 4.47 -7.72
H1' DM6 E . 5.95 12.50 -5.88
H2'1 DM6 E . 8.31 13.23 -5.38
H2'2 DM6 E . 7.72 13.78 -6.94
H3' DM6 E . 9.58 11.40 -6.43
H4' DM6 E . 8.48 12.40 -9.10
H5' DM6 E . 7.87 9.81 -7.61
H6'1 DM6 E . 6.11 9.50 -9.37
H6'2 DM6 E . 6.70 10.95 -10.22
H6'3 DM6 E . 7.74 9.51 -10.08
HO'4 DM6 E . 10.20 10.16 -8.43
HN'1 DM6 E . 11.11 12.74 -7.71
HN'2 DM6 E . 10.68 13.48 -6.33
C1 DM6 F . -1.49 -7.22 3.63
C2 DM6 F . -1.48 -6.14 4.52
C3 DM6 F . -2.56 -5.25 4.52
C4 DM6 F . -3.65 -5.45 3.67
C5 DM6 F . -4.89 -6.87 1.92
C6 DM6 F . -6.26 -8.76 0.85
C7 DM6 F . -7.72 -10.53 -0.31
C8 DM6 F . -7.64 -11.85 -1.12
C9 DM6 F . -6.72 -12.89 -0.46
C10 DM6 F . -5.30 -12.29 -0.38
C11 DM6 F . -3.99 -10.41 0.71
C12 DM6 F . -2.57 -8.63 1.86
C13 DM6 F . -7.26 -13.31 0.95
C14 DM6 F . -8.38 -14.36 0.96
C15 DM6 F . -2.59 -7.46 2.79
C16 DM6 F . -3.71 -6.58 2.82
C17 DM6 F . -5.02 -8.27 1.34
C18 DM6 F . -3.88 -9.12 1.28
C19 DM6 F . -5.23 -10.87 0.20
C20 DM6 F . -6.37 -10.03 0.23
C21 DM6 F . -4.39 -3.17 3.27
O4 DM6 F . -4.67 -4.52 3.70
O5 DM6 F . -5.69 -5.99 1.65
O6 DM6 F . -7.40 -8.01 1.01
O7 DM6 F . -8.28 -9.50 -1.19
O9 DM6 F . -6.67 -14.05 -1.32
O11 DM6 F . -2.92 -11.27 0.66
O12 DM6 F . -1.50 -9.18 1.60
O13 DM6 F . -6.83 -12.82 1.99
O14 DM6 F . -8.94 -14.62 2.28
C1' DM6 F . -9.69 -9.61 -1.49
C2' DM6 F . -10.21 -8.21 -1.86
C3' DM6 F . -9.58 -7.69 -3.16
C4' DM6 F . -9.74 -8.73 -4.31
C5' DM6 F . -9.21 -10.11 -3.84
C6' DM6 F . -9.49 -11.23 -4.87
O4' DM6 F . -9.05 -8.28 -5.49
O5' DM6 F . -9.90 -10.48 -2.62
N3' DM6 F . -10.16 -6.37 -3.51
H1 DM6 F . -0.64 -7.90 3.62
H2 DM6 F . -0.63 -5.99 5.18
H3 DM6 F . -2.55 -4.40 5.20
H7 DM6 F . -8.39 -10.69 0.55
H81 DM6 F . -8.64 -12.27 -1.24
H82 DM6 F . -7.27 -11.62 -2.13
H101 DM6 F . -4.86 -12.27 -1.39
H102 DM6 F . -4.68 -12.98 0.19
H141 DM6 F . -7.97 -15.29 0.54
H142 DM6 F . -9.17 -14.02 0.28
H211 DM6 F . -3.65 -2.70 3.93
H212 DM6 F . -5.30 -2.57 3.28
H213 DM6 F . -3.99 -3.17 2.24
HO6 DM6 F . -8.11 -8.37 0.42
HO9 DM6 F . -6.35 -13.77 -2.24
HO11 DM6 F . -2.09 -10.79 0.96
HO14 DM6 F . -9.23 -13.74 2.68
H1' DM6 F . -10.24 -9.99 -0.62
H2'1 DM6 F . -10.01 -7.52 -1.03
H2'2 DM6 F . -11.30 -8.26 -1.96
H3' DM6 F . -8.51 -7.57 -2.98
H4' DM6 F . -10.80 -8.83 -4.53
H5' DM6 F . -8.13 -10.05 -3.68
H6'1 DM6 F . -8.97 -11.03 -5.82
H6'2 DM6 F . -9.13 -12.20 -4.49
H6'3 DM6 F . -10.57 -11.32 -5.08
HO'4 DM6 F . -9.37 -7.35 -5.69
HN'1 DM6 F . -10.00 -5.74 -2.71
HN'2 DM6 F . -11.17 -6.46 -3.57
C1 DM6 E . 6.94 10.58 3.73
C2 DM6 E . 6.83 11.95 3.97
C3 DM6 E . 6.50 12.81 2.90
C4 DM6 E . 6.26 12.28 1.62
C5 DM6 E . 5.96 10.28 0.05
C6 DM6 E . 6.23 8.29 -1.53
C7 DM6 E . 6.37 6.30 -3.16
C8 DM6 E . 5.71 4.92 -2.97
C9 DM6 E . 6.55 3.94 -2.08
C10 DM6 E . 7.47 4.70 -1.07
C11 DM6 E . 7.14 6.65 0.57
C12 DM6 E . 6.86 8.56 2.24
C13 DM6 E . 5.58 2.95 -1.35
C14 DM6 E . 4.96 3.41 -0.02
C15 DM6 E . 6.70 10.03 2.45
C16 DM6 E . 6.32 10.89 1.39
C17 DM6 E . 6.33 8.84 -0.23
C18 DM6 E . 6.77 8.00 0.84
C19 DM6 E . 7.03 6.13 -0.73
C20 DM6 E . 6.56 6.94 -1.78
C21 DM6 E . 6.90 14.22 0.27
O4 DM6 E . 5.98 13.17 0.60
O5 DM6 E . 5.34 10.94 -0.78
O6 DM6 E . 5.83 9.04 -2.61
O7 DM6 E . 7.65 6.11 -3.80
O9 DM6 E . 7.42 3.20 -2.97
O11 DM6 E . 7.64 5.83 1.54
O12 DM6 E . 7.06 7.83 3.21
O13 DM6 E . 5.31 1.84 -1.81
O14 DM6 E . 5.54 2.73 1.13
C1' DM6 E . 8.32 7.33 -4.24
C2' DM6 E . 9.72 6.96 -4.76
C3' DM6 E . 9.65 6.09 -6.04
C4' DM6 E . 8.73 6.76 -7.11
C5' DM6 E . 7.35 7.12 -6.48
C6' DM6 E . 6.46 7.94 -7.44
O4' DM6 E . 8.58 5.87 -8.23
O5' DM6 E . 7.57 7.94 -5.31
N3' DM6 E . 11.02 5.84 -6.55
H1 DM6 E . 7.20 9.93 4.57
H2 DM6 E . 7.00 12.36 4.96
H3 DM6 E . 6.43 13.88 3.08
H7 DM6 E . 5.71 6.91 -3.79
H81 DM6 E . 4.74 5.08 -2.51
H82 DM6 E . 5.50 4.47 -3.96
H101 DM6 E . 8.49 4.77 -1.49
H102 DM6 E . 7.61 4.08 -0.18
H141 DM6 E . 3.88 3.21 -0.07
H142 DM6 E . 5.06 4.50 0.07
H211 DM6 E . 7.04 14.92 1.10
H212 DM6 E . 6.52 14.79 -0.59
H213 DM6 E . 7.88 13.80 0.00
HO6 DM6 E . 5.66 9.98 -2.33
HO9 DM6 E . 7.90 3.87 -3.54
HO11 DM6 E . 7.65 6.31 2.42
HO14 DM6 E . 5.47 1.75 0.98
H1' DM6 E . 8.41 8.03 -3.39
H2'1 DM6 E . 10.28 6.43 -3.97
H2'2 DM6 E . 10.27 7.88 -4.97
H3' DM6 E . 9.17 5.13 -5.76
H4' DM6 E . 9.22 7.68 -7.44
H5' DM6 E . 6.82 6.20 -6.22
H6'1 DM6 E . 5.53 8.23 -6.94
H6'2 DM6 E . 6.97 8.86 -7.77
H6'3 DM6 E . 6.19 7.36 -8.33
HO'4 DM6 E . 8.22 6.40 -9.01
HN'1 DM6 E . 10.92 5.25 -7.39
HN'2 DM6 E . 11.52 5.25 -5.88
C1 DM6 F . -2.26 -6.47 4.35
C2 DM6 F . -1.74 -5.18 4.38
C3 DM6 F . -2.59 -4.09 4.14
C4 DM6 F . -3.96 -4.29 3.86
C5 DM6 F . -5.96 -5.88 3.53
C6 DM6 F . -7.72 -7.61 2.83
C7 DM6 F . -9.52 -9.29 2.08
C8 DM6 F . -10.14 -10.46 2.88
C9 DM6 F . -9.21 -11.70 3.06
C10 DM6 F . -7.74 -11.44 2.61
C11 DM6 F . -5.96 -9.73 3.36
C12 DM6 F . -4.14 -8.12 4.10
C13 DM6 F . -9.24 -12.21 4.55
C14 DM6 F . -8.72 -11.26 5.66
C15 DM6 F . -3.63 -6.70 4.08
C16 DM6 F . -4.50 -5.61 3.82
C17 DM6 F . -6.42 -7.32 3.31
C18 DM6 F . -5.53 -8.40 3.58
C19 DM6 F . -7.25 -10.00 2.88
C20 DM6 F . -8.13 -8.94 2.61
C21 DM6 F . -4.34 -1.82 3.84
O4 DM6 F . -4.77 -3.19 3.62
O5 DM6 F . -6.76 -4.95 3.46
O6 DM6 F . -8.63 -6.63 2.55
O7 DM6 F . -9.42 -9.70 0.70
O9 DM6 F . -9.72 -12.74 2.18
O11 DM6 F . -5.12 -10.80 3.57
O12 DM6 F . -3.41 -9.00 4.53
O13 DM6 F . -9.67 -13.33 4.84
O14 DM6 F . -7.70 -11.87 6.48
C1' DM6 F . -9.35 -8.64 -0.27
C2' DM6 F . -9.07 -9.27 -1.65
C3' DM6 F . -10.23 -10.18 -2.10
C4' DM6 F . -11.58 -9.41 -2.02
C5' DM6 F . -11.77 -8.77 -0.63
C6' DM6 F . -13.01 -7.86 -0.55
O4' DM6 F . -12.67 -10.30 -2.34
O5' DM6 F . -10.62 -7.94 -0.33
N3' DM6 F . -9.98 -10.71 -3.46
H1 DM6 F . -1.59 -7.31 4.55
H2 DM6 F . -0.69 -5.03 4.60
H3 DM6 F . -2.17 -3.10 4.17
H7 DM6 F . -10.21 -8.44 2.17
H81 DM6 F . -10.42 -10.05 3.86
H82 DM6 F . -11.10 -10.74 2.42
H101 DM6 F . -7.66 -11.61 1.53
H102 DM6 F . -7.10 -12.19 3.08
H141 DM6 F . -9.60 -10.98 6.25
H142 DM6 F . -8.35 -10.34 5.19
H211 DM6 F . -3.99 -1.68 4.87
H212 DM6 F . -5.18 -1.13 3.66
H213 DM6 F . -3.54 -1.56 3.14
HO6 DM6 F . -8.26 -5.73 2.76
HO9 DM6 F . -10.50 -13.18 2.62
HO11 DM6 F . -4.26 -10.50 3.98
HO14 DM6 F . -8.08 -12.71 6.88
H1' DM6 F . -8.54 -7.93 0.00
H2'1 DM6 F . -8.13 -9.85 -1.60
H2'2 DM6 F . -8.91 -8.46 -2.37
H3' DM6 F . -10.29 -11.02 -1.40
H4' DM6 F . -11.55 -8.60 -2.76
H5' DM6 F . -11.88 -9.56 0.13
H6'1 DM6 F . -13.09 -7.39 0.43
H6'2 DM6 F . -12.96 -7.06 -1.30
H6'3 DM6 F . -13.93 -8.43 -0.73
HO'4 DM6 F . -12.43 -10.77 -3.19
HN'1 DM6 F . -9.07 -11.18 -3.47
HN'2 DM6 F . -9.85 -9.92 -4.11
C1 DM6 E . 7.44 12.57 4.76
C2 DM6 E . 7.11 13.93 4.85
C3 DM6 E . 6.61 14.59 3.73
C4 DM6 E . 6.42 13.91 2.53
C5 DM6 E . 6.55 11.76 1.13
C6 DM6 E . 6.52 9.49 -0.05
C7 DM6 E . 6.53 7.30 -1.38
C8 DM6 E . 6.18 5.82 -1.11
C9 DM6 E . 7.18 5.11 -0.16
C10 DM6 E . 7.31 5.91 1.17
C11 DM6 E . 7.52 8.20 2.23
C12 DM6 E . 7.65 10.41 3.51
C13 DM6 E . 6.71 3.65 0.09
C14 DM6 E . 7.07 2.62 -1.01
C15 DM6 E . 7.25 11.86 3.56
C16 DM6 E . 6.73 12.52 2.42
C17 DM6 E . 6.79 10.26 1.11
C18 DM6 E . 7.32 9.61 2.26
C19 DM6 E . 7.22 7.45 1.08
C20 DM6 E . 6.76 8.09 -0.09
C21 DM6 E . 6.72 15.67 0.87
O4 DM6 E . 5.91 14.63 1.47
O5 DM6 E . 6.22 12.35 0.11
O6 DM6 E . 5.99 10.06 -1.18
O7 DM6 E . 7.74 7.30 -2.18
O9 DM6 E . 8.49 5.08 -0.77
O11 DM6 E . 8.00 7.53 3.32
O12 DM6 E . 8.25 9.91 4.45
O13 DM6 E . 6.10 3.30 1.10
O14 DM6 E . 6.27 1.41 -0.97
C1' DM6 E . 8.04 8.50 -2.93
C2' DM6 E . 9.37 8.27 -3.68
C3' DM6 E . 9.24 7.16 -4.74
C4' DM6 E . 8.03 7.43 -5.68
C5' DM6 E . 6.74 7.68 -4.86
C6' DM6 E . 5.55 8.14 -5.73
O4' DM6 E . 7.86 6.33 -6.60
O5' DM6 E . 7.01 8.75 -3.91
N3' DM6 E . 10.51 7.04 -5.49
H1 DM6 E . 7.84 12.07 5.65
H2 DM6 E . 7.27 14.47 5.79
H3 DM6 E . 6.36 15.65 3.80
H7 DM6 E . 5.70 7.72 -1.95
H81 DM6 E . 5.19 5.78 -0.65
H82 DM6 E . 6.11 5.29 -2.07
H101 DM6 E . 8.24 5.61 1.67
H102 DM6 E . 6.50 5.61 1.85
H141 DM6 E . 8.14 2.37 -0.89
H142 DM6 E . 6.97 3.11 -1.98
H211 DM6 E . 6.94 16.45 1.60
H212 DM6 E . 6.17 16.12 0.03
H213 DM6 E . 7.65 15.26 0.49
HO6 DM6 E . 5.94 11.05 -1.06
HO9 DM6 E . 8.59 5.95 -1.26
HO11 DM6 E . 8.35 8.18 3.99
HO14 DM6 E . 6.34 1.02 -0.06
H1' DM6 E . 8.14 9.36 -2.25
H2'1 DM6 E . 10.16 8.02 -2.96
H2'2 DM6 E . 9.66 9.22 -4.15
H3' DM6 E . 9.04 6.22 -4.22
H4' DM6 E . 8.25 8.35 -6.26
H5' DM6 E . 6.47 6.76 -4.33
H6'1 DM6 E . 4.67 8.34 -5.10
H6'2 DM6 E . 5.79 9.04 -6.29
H6'3 DM6 E . 5.28 7.35 -6.45
HO'4 DM6 E . 8.77 6.16 -7.01
HN'1 DM6 E . 11.28 6.88 -4.83
HN'2 DM6 E . 10.74 7.94 -5.92
C1 DM6 F . -1.39 -7.42 4.17
C2 DM6 F . -0.78 -6.22 3.82
C3 DM6 F . -1.56 -5.17 3.30
C4 DM6 F . -2.95 -5.32 3.16
C5 DM6 F . -5.09 -6.70 3.53
C6 DM6 F . -7.04 -8.35 3.36
C7 DM6 F . -9.02 -9.96 3.17
C8 DM6 F . -9.55 -10.96 4.22
C9 DM6 F . -8.69 -12.26 4.41
C10 DM6 F . -7.31 -12.14 3.67
C11 DM6 F . -5.34 -10.51 4.02
C12 DM6 F . -3.39 -8.92 4.39
C13 DM6 F . -8.50 -12.57 5.92
C14 DM6 F . -9.80 -12.70 6.75
C15 DM6 F . -2.79 -7.59 4.04
C16 DM6 F . -3.58 -6.52 3.57
C17 DM6 F . -5.67 -8.10 3.63
C18 DM6 F . -4.82 -9.18 4.00
C19 DM6 F . -6.71 -10.74 3.73
C20 DM6 F . -7.55 -9.66 3.42
C21 DM6 F . -3.14 -3.38 1.63
O4 DM6 F . -3.68 -4.28 2.61
O5 DM6 F . -5.82 -5.71 3.42
O6 DM6 F . -7.91 -7.35 3.00
O7 DM6 F . -9.21 -10.53 1.86
O9 DM6 F . -9.40 -13.35 3.78
O11 DM6 F . -4.55 -11.60 4.27
O12 DM6 F . -2.70 -9.76 4.97
O13 DM6 F . -7.40 -12.73 6.44
O14 DM6 F . -9.73 -13.74 7.76
C1' DM6 F . -9.17 -9.60 0.75
C2' DM6 F . -9.21 -10.38 -0.56
C3' DM6 F . -10.57 -11.12 -0.73
C4' DM6 F . -11.76 -10.14 -0.55
C5' DM6 F . -11.61 -9.36 0.79
C6' DM6 F . -12.67 -8.25 0.96
O4' DM6 F . -13.00 -10.86 -0.62
O5' DM6 F . -10.32 -8.72 0.82
N3' DM6 F . -10.62 -11.80 -2.04
H1 DM6 F . -0.76 -8.23 4.54
H2 DM6 F . 0.29 -6.09 3.91
H3 DM6 F . -1.07 -4.25 3.01
H7 DM6 F . -9.63 -9.05 3.27
H81 DM6 F . -9.58 -10.42 5.17
H82 DM6 F . -10.59 -11.22 4.00
H101 DM6 F . -7.45 -12.41 2.61
H102 DM6 F . -6.63 -12.92 4.05
H141 DM6 F . -10.63 -12.90 6.07
H142 DM6 F . -9.99 -11.72 7.22
H211 DM6 F . -2.37 -2.74 2.07
H212 DM6 F . -3.92 -2.72 1.25
H213 DM6 F . -2.71 -3.93 0.79
HO6 DM6 F . -7.40 -6.51 2.82
HO9 DM6 F . -8.89 -14.21 3.92
HO11 DM6 F . -3.61 -11.31 4.44
HO14 DM6 F . -10.61 -13.76 8.25
H1' DM6 F . -8.24 -9.01 0.81
H2'1 DM6 F . -8.39 -11.09 -0.59
H2'2 DM6 F . -9.07 -9.68 -1.40
H3' DM6 F . -10.63 -11.87 0.07
H4' DM6 F . -11.72 -9.41 -1.37
H5' DM6 F . -11.71 -10.06 1.63
H6'1 DM6 F . -13.68 -8.68 1.02
H6'2 DM6 F . -12.49 -7.69 1.89
H6'3 DM6 F . -12.65 -7.54 0.13
HO'4 DM6 F . -13.75 -10.20 -0.71
HN'1 DM6 F . -10.62 -11.09 -2.78
HN'2 DM6 F . -11.57 -12.20 -2.11
C1 DM6 E . 8.36 11.54 4.10
C2 DM6 E . 8.17 12.88 4.46
C3 DM6 E . 7.32 13.69 3.71
C4 DM6 E . 6.68 13.17 2.56
C5 DM6 E . 6.28 11.25 0.91
C6 DM6 E . 5.36 9.13 -0.19
C7 DM6 E . 4.36 7.09 -1.35
C8 DM6 E . 4.00 5.61 -1.06
C9 DM6 E . 5.24 4.76 -0.68
C10 DM6 E . 5.91 5.38 0.57
C11 DM6 E . 6.90 7.51 1.52
C12 DM6 E . 7.93 9.55 2.63
C13 DM6 E . 4.81 3.29 -0.39
C14 DM6 E . 5.12 2.26 -1.49
C15 DM6 E . 7.70 11.00 2.97
C16 DM6 E . 6.88 11.82 2.18
C17 DM6 E . 6.21 9.74 0.77
C18 DM6 E . 7.00 8.92 1.63
C19 DM6 E . 6.03 6.91 0.58
C20 DM6 E . 5.27 7.72 -0.29
C21 DM6 E . 5.98 15.41 1.73
O4 DM6 E . 5.81 13.98 1.85
O5 DM6 E . 5.92 11.98 0.00
O6 DM6 E . 4.58 9.88 -1.03
O7 DM6 E . 5.06 7.16 -2.61
O9 DM6 E . 6.20 4.80 -1.75
O11 DM6 E . 7.59 6.68 2.37
O12 DM6 E . 8.85 8.94 3.14
O13 DM6 E . 4.27 2.97 0.67
O14 DM6 E . 4.55 0.95 -1.27
C1' DM6 E . 4.23 7.13 -3.80
C2' DM6 E . 3.95 8.58 -4.24
C3' DM6 E . 5.25 9.32 -4.62
C4' DM6 E . 6.06 8.50 -5.67
C5' DM6 E . 6.26 7.04 -5.19
C6' DM6 E . 6.90 6.13 -6.26
O4' DM6 E . 7.33 9.13 -5.93
O5' DM6 E . 4.97 6.46 -4.85
N3' DM6 E . 4.93 10.69 -5.10
H1 DM6 E . 9.02 10.92 4.70
H2 DM6 E . 8.70 13.28 5.33
H3 DM6 E . 7.17 14.71 4.02
H7 DM6 E . 3.43 7.68 -1.41
H81 DM6 E . 3.28 5.59 -0.24
H82 DM6 E . 3.48 5.17 -1.92
H101 DM6 E . 6.89 4.91 0.70
H102 DM6 E . 5.33 5.11 1.47
H141 DM6 E . 6.21 2.19 -1.56
H142 DM6 E . 4.77 2.68 -2.44
H211 DM6 E . 5.83 15.90 2.70
H212 DM6 E . 5.25 15.82 1.03
H213 DM6 E . 6.99 15.65 1.36
HO6 DM6 E . 4.87 10.83 -1.01
HO9 DM6 E . 6.13 5.71 -2.17
HO11 DM6 E . 8.39 7.17 2.74
HO14 DM6 E . 4.90 0.32 -1.97
H1' DM6 E . 3.29 6.59 -3.62
H2'1 DM6 E . 3.43 9.11 -3.44
H2'2 DM6 E . 3.26 8.56 -5.10
H3' DM6 E . 5.86 9.39 -3.72
H4' DM6 E . 5.48 8.46 -6.60
H5' DM6 E . 6.91 7.04 -4.29
H6'1 DM6 E . 6.99 5.10 -5.89
H6'2 DM6 E . 6.29 6.11 -7.17
H6'3 DM6 E . 7.90 6.49 -6.51
HO'4 DM6 E . 7.16 9.94 -6.51
HN'1 DM6 E . 5.81 11.21 -5.21
HN'2 DM6 E . 4.44 11.19 -4.35
C1 DM6 F . -2.12 -5.89 5.85
C2 DM6 F . -2.14 -4.48 5.83
C3 DM6 F . -3.09 -3.81 5.06
C4 DM6 F . -4.06 -4.53 4.33
C5 DM6 F . -5.18 -6.75 3.73
C6 DM6 F . -5.76 -8.98 2.59
C7 DM6 F . -6.33 -11.16 1.35
C8 DM6 F . -6.67 -12.53 1.96
C9 DM6 F . -5.45 -13.34 2.48
C10 DM6 F . -4.17 -12.46 2.67
C11 DM6 F . -3.65 -10.28 3.93
C12 DM6 F . -3.03 -8.12 5.16
C13 DM6 F . -5.83 -14.04 3.81
C14 DM6 F . -6.62 -15.37 3.68
C15 DM6 F . -3.08 -6.62 5.12
C16 DM6 F . -4.08 -5.95 4.39
C17 DM6 F . -4.95 -8.24 3.49
C18 DM6 F . -3.90 -8.90 4.18
C19 DM6 F . -4.45 -10.99 3.03
C20 DM6 F . -5.50 -10.34 2.35
C21 DM6 F . -4.46 -2.88 2.57
O4 DM6 F . -4.94 -3.82 3.55
O5 DM6 F . -6.25 -6.23 3.42
O6 DM6 F . -6.79 -8.40 1.89
O7 DM6 F . -5.56 -11.37 0.15
O9 DM6 F . -5.11 -14.34 1.48
O11 DM6 F . -2.61 -10.94 4.52
O12 DM6 F . -2.28 -8.68 5.95
O13 DM6 F . -5.56 -13.58 4.91
O14 DM6 F . -7.35 -15.74 4.88
C1' DM6 F . -5.52 -10.26 -0.76
C2' DM6 F . -4.48 -10.55 -1.86
C3' DM6 F . -4.90 -11.76 -2.72
C4' DM6 F . -6.35 -11.58 -3.27
C5' DM6 F . -7.32 -11.23 -2.11
C6' DM6 F . -8.73 -10.86 -2.60
O4' DM6 F . -6.76 -12.78 -3.95
O5' DM6 F . -6.80 -10.08 -1.39
N3' DM6 F . -3.93 -11.97 -3.83
H1 DM6 F . -1.35 -6.40 6.42
H2 DM6 F . -1.40 -3.93 6.40
H3 DM6 F . -3.11 -2.73 5.06
H7 DM6 F . -7.27 -10.65 1.11
H81 DM6 F . -7.36 -12.34 2.80
H82 DM6 F . -7.25 -13.12 1.23
H101 DM6 F . -3.59 -12.46 1.73
H102 DM6 F . -3.51 -12.94 3.39
H141 DM6 F . -5.90 -16.15 3.41
H142 DM6 F . -7.31 -15.26 2.84
H211 DM6 F . -3.89 -2.07 3.05
H212 DM6 F . -5.29 -2.43 2.04
H213 DM6 F . -3.80 -3.38 1.84
HO6 DM6 F . -6.91 -7.44 2.16
HO9 DM6 F . -4.98 -13.87 0.60
HO11 DM6 F . -2.10 -10.33 5.14
HO14 DM6 F . -6.71 -15.75 5.65
H1' DM6 F . -5.22 -9.34 -0.22
H2'1 DM6 F . -3.50 -10.75 -1.40
H2'2 DM6 F . -4.36 -9.67 -2.49
H3' DM6 F . -4.90 -12.65 -2.08
H4' DM6 F . -6.33 -10.74 -3.96
H5' DM6 F . -7.40 -12.09 -1.43
H6'1 DM6 F . -9.21 -11.71 -3.09
H6'2 DM6 F . -9.37 -10.56 -1.76
H6'3 DM6 F . -8.70 -10.02 -3.31
HO'4 DM6 F . -7.59 -12.57 -4.49
HN'1 DM6 F . -4.26 -12.78 -4.37
HN'2 DM6 F . -3.03 -12.26 -3.43
#